data_7BA3
#
_entry.id   7BA3
#
_cell.length_a   81.704
_cell.length_b   112.201
_cell.length_c   62.263
_cell.angle_alpha   90.000
_cell.angle_beta   90.000
_cell.angle_gamma   90.000
#
_symmetry.space_group_name_H-M   'C 2 2 21'
#
loop_
_entity.id
_entity.type
_entity.pdbx_description
1 polymer '14-3-3 protein sigma'
2 polymer 'Estrogen receptor'
3 non-polymer 'MAGNESIUM ION'
4 non-polymer 2-(4-bromanylphenoxy)-2-methyl-~{N}-(2-sulfanylethyl)propanamide
5 water water
#
loop_
_entity_poly.entity_id
_entity_poly.type
_entity_poly.pdbx_seq_one_letter_code
_entity_poly.pdbx_strand_id
1 'polypeptide(L)'
;GAMGSMERASLIQKAKLAEQAERYEDMAAFMKGAVEKGEELSNEERCLLSVAYKNVVGGQRAAWRVLSSIEQKSNEEGSE
EKGPEVREYREKVETELQGVCDTVLGLLDSHLIKEAGDAESRVFYLKMKGDYYRYLAEVATGDDKKRIIDSARSAYQEAM
DISKKEMPPTNPIRLGLALNFSVFHYEIANSPEEAISLAKTTFDEAMADLHTLSEDSYKDSTLIMQLLRDNLTLWT
;
A
2 'polypeptide(L)' AEGFPA(TPO)V B
#
loop_
_chem_comp.id
_chem_comp.type
_chem_comp.name
_chem_comp.formula
MG non-polymer 'MAGNESIUM ION' 'Mg 2'
T5N non-polymer 2-(4-bromanylphenoxy)-2-methyl-~{N}-(2-sulfanylethyl)propanamide 'C12 H16 Br N O2 S'
#
# COMPACT_ATOMS: atom_id res chain seq x y z
N GLY A 1 -6.84 -3.32 23.64
CA GLY A 1 -7.19 -2.26 22.70
C GLY A 1 -8.45 -1.54 23.14
N ALA A 2 -8.53 -0.24 22.84
CA ALA A 2 -9.71 0.54 23.20
C ALA A 2 -10.96 0.05 22.48
N MET A 3 -10.81 -0.76 21.43
CA MET A 3 -11.95 -1.34 20.73
C MET A 3 -12.34 -2.73 21.24
N GLY A 4 -11.64 -3.23 22.27
CA GLY A 4 -11.87 -4.59 22.74
C GLY A 4 -13.29 -4.85 23.22
N SER A 5 -13.98 -3.82 23.73
CA SER A 5 -15.34 -4.00 24.24
C SER A 5 -16.43 -3.84 23.18
N MET A 6 -16.11 -3.48 21.94
CA MET A 6 -17.11 -3.28 20.91
C MET A 6 -17.27 -4.52 20.03
N GLU A 7 -18.52 -4.85 19.72
CA GLU A 7 -18.84 -5.98 18.84
C GLU A 7 -18.13 -5.85 17.50
N ARG A 8 -17.64 -6.97 16.98
CA ARG A 8 -17.05 -6.99 15.65
C ARG A 8 -17.98 -6.34 14.62
N ALA A 9 -19.27 -6.71 14.60
CA ALA A 9 -20.16 -6.17 13.57
C ALA A 9 -20.33 -4.67 13.74
N SER A 10 -20.31 -4.18 14.98
CA SER A 10 -20.45 -2.75 15.20
C SER A 10 -19.18 -2.00 14.77
N LEU A 11 -18.00 -2.61 14.95
CA LEU A 11 -16.77 -2.02 14.43
C LEU A 11 -16.82 -1.90 12.92
N ILE A 12 -17.24 -2.97 12.23
CA ILE A 12 -17.39 -2.92 10.77
C ILE A 12 -18.39 -1.85 10.34
N GLN A 13 -19.56 -1.79 10.99
CA GLN A 13 -20.55 -0.78 10.65
C GLN A 13 -20.01 0.63 10.84
N LYS A 14 -19.31 0.86 11.95
CA LYS A 14 -18.70 2.17 12.19
C LYS A 14 -17.57 2.49 11.22
N ALA A 15 -16.78 1.50 10.79
CA ALA A 15 -15.76 1.78 9.78
C ALA A 15 -16.42 2.30 8.51
N LYS A 16 -17.56 1.73 8.14
CA LYS A 16 -18.27 2.18 6.94
C LYS A 16 -18.78 3.60 7.11
N LEU A 17 -19.31 3.91 8.30
CA LEU A 17 -19.74 5.27 8.59
C LEU A 17 -18.57 6.25 8.55
N ALA A 18 -17.44 5.86 9.16
CA ALA A 18 -16.26 6.70 9.16
C ALA A 18 -15.81 6.98 7.73
N GLU A 19 -15.87 5.97 6.85
CA GLU A 19 -15.51 6.20 5.46
C GLU A 19 -16.44 7.24 4.81
N GLN A 20 -17.75 7.14 5.05
CA GLN A 20 -18.69 8.12 4.47
C GLN A 20 -18.42 9.51 4.99
N ALA A 21 -17.95 9.63 6.24
CA ALA A 21 -17.64 10.92 6.85
C ALA A 21 -16.20 11.37 6.60
N GLU A 22 -15.46 10.62 5.79
CA GLU A 22 -14.05 10.89 5.50
C GLU A 22 -13.20 11.02 6.76
N ARG A 23 -13.52 10.21 7.78
CA ARG A 23 -12.78 10.15 9.04
C ARG A 23 -11.90 8.90 9.02
N TYR A 24 -10.77 9.01 8.31
CA TYR A 24 -9.99 7.81 8.02
C TYR A 24 -9.19 7.28 9.21
N GLU A 25 -8.72 8.16 10.10
CA GLU A 25 -8.12 7.71 11.35
C GLU A 25 -9.11 6.88 12.16
N ASP A 26 -10.36 7.36 12.32
CA ASP A 26 -11.36 6.55 12.99
C ASP A 26 -11.57 5.23 12.26
N MET A 27 -11.71 5.29 10.94
CA MET A 27 -11.95 4.08 10.15
C MET A 27 -10.85 3.07 10.43
N ALA A 28 -9.59 3.52 10.46
CA ALA A 28 -8.49 2.60 10.71
C ALA A 28 -8.55 2.03 12.12
N ALA A 29 -8.89 2.85 13.11
CA ALA A 29 -8.99 2.34 14.48
C ALA A 29 -10.10 1.29 14.60
N PHE A 30 -11.24 1.52 13.94
CA PHE A 30 -12.33 0.54 13.95
C PHE A 30 -11.89 -0.75 13.28
N MET A 31 -11.19 -0.66 12.13
CA MET A 31 -10.77 -1.88 11.45
C MET A 31 -9.68 -2.62 12.21
N LYS A 32 -8.76 -1.89 12.86
CA LYS A 32 -7.80 -2.54 13.75
C LYS A 32 -8.52 -3.32 14.85
N GLY A 33 -9.56 -2.71 15.45
CA GLY A 33 -10.33 -3.44 16.43
C GLY A 33 -10.97 -4.68 15.85
N ALA A 34 -11.53 -4.57 14.61
CA ALA A 34 -12.16 -5.73 14.00
C ALA A 34 -11.15 -6.84 13.74
N VAL A 35 -9.97 -6.50 13.19
CA VAL A 35 -8.95 -7.53 12.98
C VAL A 35 -8.59 -8.22 14.29
N GLU A 36 -8.46 -7.45 15.37
CA GLU A 36 -8.05 -7.99 16.65
C GLU A 36 -9.10 -8.89 17.30
N LYS A 37 -10.31 -8.99 16.74
CA LYS A 37 -11.23 -10.02 17.19
C LYS A 37 -10.73 -11.41 16.87
N GLY A 38 -9.79 -11.54 15.92
CA GLY A 38 -9.15 -12.82 15.68
C GLY A 38 -9.78 -13.63 14.57
N GLU A 39 -10.92 -13.23 14.04
CA GLU A 39 -11.54 -13.95 12.93
C GLU A 39 -10.97 -13.46 11.60
N GLU A 40 -11.00 -14.33 10.59
CA GLU A 40 -10.59 -13.92 9.24
C GLU A 40 -11.51 -12.80 8.74
N LEU A 41 -11.04 -12.04 7.77
CA LEU A 41 -11.80 -10.95 7.16
C LEU A 41 -12.37 -11.40 5.84
N SER A 42 -13.56 -10.91 5.53
CA SER A 42 -14.14 -11.12 4.20
C SER A 42 -13.48 -10.17 3.17
N ASN A 43 -13.82 -10.36 1.90
N ASN A 43 -13.82 -10.34 1.89
CA ASN A 43 -13.30 -9.48 0.86
CA ASN A 43 -13.28 -9.47 0.84
C ASN A 43 -13.62 -8.02 1.15
C ASN A 43 -13.61 -8.01 1.12
N GLU A 44 -14.87 -7.72 1.44
CA GLU A 44 -15.26 -6.33 1.73
C GLU A 44 -14.52 -5.80 2.96
N GLU A 45 -14.37 -6.64 3.99
CA GLU A 45 -13.65 -6.19 5.19
C GLU A 45 -12.17 -5.91 4.91
N ARG A 46 -11.56 -6.72 4.04
CA ARG A 46 -10.17 -6.46 3.66
C ARG A 46 -10.07 -5.12 2.94
N CYS A 47 -11.03 -4.81 2.08
CA CYS A 47 -11.08 -3.50 1.46
C CYS A 47 -11.23 -2.37 2.48
N LEU A 48 -12.08 -2.53 3.50
CA LEU A 48 -12.21 -1.47 4.50
C LEU A 48 -10.89 -1.26 5.23
N LEU A 49 -10.21 -2.35 5.59
CA LEU A 49 -8.92 -2.23 6.28
C LEU A 49 -7.92 -1.47 5.41
N SER A 50 -7.81 -1.88 4.14
CA SER A 50 -6.83 -1.28 3.26
C SER A 50 -7.14 0.18 2.95
N VAL A 51 -8.40 0.50 2.71
CA VAL A 51 -8.78 1.89 2.41
C VAL A 51 -8.46 2.79 3.60
N ALA A 52 -8.81 2.35 4.81
CA ALA A 52 -8.57 3.16 5.99
C ALA A 52 -7.10 3.50 6.13
N TYR A 53 -6.24 2.49 6.16
CA TYR A 53 -4.82 2.72 6.37
C TYR A 53 -4.15 3.38 5.18
N LYS A 54 -4.60 3.11 3.95
CA LYS A 54 -3.99 3.76 2.79
C LYS A 54 -4.21 5.26 2.86
N ASN A 55 -5.39 5.69 3.34
CA ASN A 55 -5.69 7.10 3.43
C ASN A 55 -4.94 7.74 4.59
N VAL A 56 -4.83 7.05 5.72
CA VAL A 56 -4.07 7.65 6.83
C VAL A 56 -2.61 7.81 6.43
N VAL A 57 -1.97 6.72 5.96
CA VAL A 57 -0.55 6.79 5.62
C VAL A 57 -0.33 7.67 4.42
N GLY A 58 -1.29 7.73 3.49
CA GLY A 58 -1.13 8.60 2.34
C GLY A 58 -1.05 10.06 2.74
N GLY A 59 -1.85 10.47 3.72
CA GLY A 59 -1.74 11.84 4.21
C GLY A 59 -0.42 12.09 4.91
N GLN A 60 0.04 11.10 5.70
CA GLN A 60 1.34 11.24 6.36
C GLN A 60 2.46 11.37 5.34
N ARG A 61 2.43 10.54 4.29
CA ARG A 61 3.46 10.59 3.25
C ARG A 61 3.46 11.93 2.56
N ALA A 62 2.28 12.45 2.25
CA ALA A 62 2.23 13.75 1.57
C ALA A 62 2.81 14.83 2.46
N ALA A 63 2.50 14.80 3.76
CA ALA A 63 3.03 15.80 4.70
C ALA A 63 4.54 15.63 4.85
N TRP A 64 5.02 14.38 4.95
CA TRP A 64 6.45 14.13 5.03
C TRP A 64 7.19 14.67 3.83
N ARG A 65 6.60 14.54 2.64
CA ARG A 65 7.31 15.01 1.45
C ARG A 65 7.39 16.51 1.44
N VAL A 66 6.34 17.21 1.89
CA VAL A 66 6.39 18.66 1.98
C VAL A 66 7.49 19.07 2.95
N LEU A 67 7.54 18.45 4.12
CA LEU A 67 8.54 18.82 5.12
C LEU A 67 9.95 18.47 4.68
N SER A 68 10.13 17.32 4.02
CA SER A 68 11.45 16.92 3.54
CA SER A 68 11.45 16.92 3.56
C SER A 68 11.95 17.89 2.49
N SER A 69 11.06 18.35 1.62
CA SER A 69 11.44 19.33 0.61
C SER A 69 11.91 20.61 1.28
N ILE A 70 11.17 21.09 2.28
CA ILE A 70 11.57 22.31 2.98
C ILE A 70 12.91 22.09 3.68
N GLU A 71 13.10 20.92 4.28
CA GLU A 71 14.33 20.62 4.98
C GLU A 71 15.52 20.61 4.03
N GLN A 72 15.35 20.02 2.85
CA GLN A 72 16.45 19.96 1.88
C GLN A 72 16.81 21.36 1.40
N LYS A 73 15.81 22.18 1.12
CA LYS A 73 16.07 23.56 0.71
C LYS A 73 16.78 24.34 1.80
N SER A 74 16.39 24.11 3.08
CA SER A 74 17.04 24.77 4.21
C SER A 74 18.51 24.38 4.33
N ASN A 75 18.90 23.22 3.82
CA ASN A 75 20.25 22.73 3.94
C ASN A 75 21.12 23.00 2.72
N GLU A 76 20.65 23.84 1.79
CA GLU A 76 21.46 24.14 0.61
C GLU A 76 22.38 25.32 0.91
N GLU A 77 23.11 25.75 -0.11
CA GLU A 77 24.06 26.85 0.05
C GLU A 77 23.36 28.20 -0.02
N GLY A 78 23.78 29.12 0.84
CA GLY A 78 23.15 30.42 0.95
C GLY A 78 21.85 30.45 1.72
N SER A 79 21.43 29.30 2.27
CA SER A 79 20.18 29.24 3.02
C SER A 79 20.43 29.69 4.45
N GLU A 80 19.55 30.56 4.93
CA GLU A 80 19.66 31.06 6.29
C GLU A 80 19.35 29.94 7.29
N GLU A 81 20.24 29.78 8.27
CA GLU A 81 20.03 28.74 9.29
C GLU A 81 18.76 29.03 10.06
N LYS A 82 17.84 28.07 10.06
CA LYS A 82 16.57 28.27 10.75
C LYS A 82 16.46 27.49 12.05
N GLY A 83 17.53 26.80 12.49
CA GLY A 83 17.48 26.02 13.69
C GLY A 83 17.03 24.59 13.41
N PRO A 84 16.78 23.82 14.48
CA PRO A 84 16.44 22.39 14.35
C PRO A 84 14.97 22.13 14.03
N GLU A 85 14.14 23.15 13.91
CA GLU A 85 12.70 22.91 13.94
C GLU A 85 12.21 22.13 12.73
N VAL A 86 12.74 22.41 11.53
CA VAL A 86 12.24 21.71 10.35
C VAL A 86 12.55 20.23 10.45
N ARG A 87 13.79 19.91 10.81
CA ARG A 87 14.16 18.52 11.02
C ARG A 87 13.32 17.89 12.12
N GLU A 88 13.12 18.60 13.25
CA GLU A 88 12.35 18.00 14.34
C GLU A 88 10.94 17.67 13.87
N TYR A 89 10.31 18.59 13.16
CA TYR A 89 8.93 18.36 12.78
C TYR A 89 8.83 17.28 11.69
N ARG A 90 9.76 17.28 10.73
CA ARG A 90 9.82 16.17 9.77
C ARG A 90 10.01 14.85 10.49
N GLU A 91 10.86 14.81 11.53
CA GLU A 91 11.06 13.60 12.32
C GLU A 91 9.80 13.19 13.06
N LYS A 92 9.05 14.17 13.56
CA LYS A 92 7.78 13.88 14.25
C LYS A 92 6.79 13.20 13.31
N VAL A 93 6.60 13.77 12.11
CA VAL A 93 5.69 13.16 11.14
C VAL A 93 6.21 11.81 10.71
N GLU A 94 7.53 11.70 10.51
CA GLU A 94 8.15 10.44 10.12
C GLU A 94 7.91 9.35 11.17
N THR A 95 8.05 9.68 12.46
CA THR A 95 7.88 8.68 13.50
C THR A 95 6.40 8.24 13.58
N GLU A 96 5.48 9.18 13.39
N GLU A 96 5.46 9.17 13.36
CA GLU A 96 4.06 8.84 13.34
CA GLU A 96 4.05 8.78 13.35
C GLU A 96 3.78 7.89 12.18
C GLU A 96 3.70 7.93 12.14
N LEU A 97 4.31 8.20 10.99
CA LEU A 97 4.15 7.34 9.83
C LEU A 97 4.71 5.95 10.11
N GLN A 98 5.93 5.88 10.65
CA GLN A 98 6.54 4.59 10.95
C GLN A 98 5.65 3.81 11.92
N GLY A 99 5.03 4.51 12.87
CA GLY A 99 4.15 3.84 13.82
C GLY A 99 2.93 3.25 13.16
N VAL A 100 2.33 3.97 12.22
CA VAL A 100 1.19 3.41 11.47
C VAL A 100 1.64 2.21 10.65
N CYS A 101 2.78 2.31 9.96
CA CYS A 101 3.24 1.17 9.20
C CYS A 101 3.48 -0.05 10.09
N ASP A 102 4.11 0.16 11.25
CA ASP A 102 4.37 -0.93 12.19
C ASP A 102 3.06 -1.55 12.67
N THR A 103 2.05 -0.71 12.90
CA THR A 103 0.74 -1.22 13.31
C THR A 103 0.15 -2.11 12.22
N VAL A 104 0.15 -1.67 10.96
CA VAL A 104 -0.41 -2.49 9.89
C VAL A 104 0.38 -3.77 9.75
N LEU A 105 1.72 -3.66 9.70
CA LEU A 105 2.53 -4.86 9.58
C LEU A 105 2.31 -5.80 10.74
N GLY A 106 2.06 -5.25 11.92
CA GLY A 106 1.75 -6.09 13.07
C GLY A 106 0.45 -6.86 12.91
N LEU A 107 -0.58 -6.21 12.35
CA LEU A 107 -1.84 -6.92 12.11
C LEU A 107 -1.64 -8.02 11.09
N LEU A 108 -0.84 -7.72 10.03
CA LEU A 108 -0.61 -8.73 9.01
C LEU A 108 0.16 -9.91 9.58
N ASP A 109 1.10 -9.66 10.48
CA ASP A 109 1.90 -10.74 11.05
C ASP A 109 1.19 -11.45 12.20
N SER A 110 0.20 -10.82 12.79
CA SER A 110 -0.44 -11.34 14.01
C SER A 110 -1.94 -11.09 13.89
N HIS A 111 -2.67 -11.89 13.09
CA HIS A 111 -2.24 -13.12 12.43
C HIS A 111 -2.89 -13.27 11.06
N LEU A 112 -3.05 -12.14 10.37
CA LEU A 112 -3.83 -12.20 9.13
C LEU A 112 -3.19 -13.10 8.06
N ILE A 113 -1.88 -12.96 7.82
CA ILE A 113 -1.28 -13.71 6.73
C ILE A 113 -1.30 -15.20 7.00
N LYS A 114 -0.95 -15.62 8.22
CA LYS A 114 -0.80 -17.05 8.43
C LYS A 114 -2.12 -17.79 8.33
N GLU A 115 -3.26 -17.11 8.50
CA GLU A 115 -4.55 -17.77 8.36
C GLU A 115 -5.15 -17.64 6.97
N ALA A 116 -4.47 -16.90 6.07
CA ALA A 116 -5.02 -16.61 4.73
C ALA A 116 -4.57 -17.71 3.77
N GLY A 117 -5.51 -18.57 3.39
CA GLY A 117 -5.22 -19.69 2.49
C GLY A 117 -5.70 -19.52 1.07
N ASP A 118 -6.74 -18.72 0.84
CA ASP A 118 -7.20 -18.52 -0.54
C ASP A 118 -6.36 -17.45 -1.20
N ALA A 119 -6.22 -17.54 -2.52
CA ALA A 119 -5.33 -16.59 -3.19
C ALA A 119 -5.80 -15.15 -3.01
N GLU A 120 -7.11 -14.91 -3.09
N GLU A 120 -7.11 -14.90 -3.03
CA GLU A 120 -7.63 -13.56 -2.98
CA GLU A 120 -7.59 -13.51 -2.98
C GLU A 120 -7.18 -12.92 -1.67
C GLU A 120 -7.43 -12.87 -1.61
N SER A 121 -7.28 -13.66 -0.56
CA SER A 121 -6.92 -13.07 0.73
C SER A 121 -5.40 -13.02 0.89
N ARG A 122 -4.69 -14.12 0.56
CA ARG A 122 -3.26 -14.17 0.82
C ARG A 122 -2.49 -13.19 -0.05
N VAL A 123 -2.81 -13.11 -1.35
CA VAL A 123 -2.17 -12.12 -2.22
C VAL A 123 -2.45 -10.71 -1.74
N PHE A 124 -3.70 -10.41 -1.36
CA PHE A 124 -4.03 -9.07 -0.89
C PHE A 124 -3.19 -8.68 0.33
N TYR A 125 -3.06 -9.61 1.30
CA TYR A 125 -2.31 -9.29 2.51
C TYR A 125 -0.83 -9.18 2.23
N LEU A 126 -0.29 -10.07 1.41
CA LEU A 126 1.14 -9.97 1.09
C LEU A 126 1.44 -8.70 0.31
N LYS A 127 0.54 -8.30 -0.60
CA LYS A 127 0.68 -6.98 -1.24
C LYS A 127 0.70 -5.86 -0.20
N MET A 128 -0.22 -5.90 0.78
CA MET A 128 -0.20 -4.86 1.81
C MET A 128 1.12 -4.88 2.58
N LYS A 129 1.64 -6.07 2.88
CA LYS A 129 2.92 -6.14 3.57
C LYS A 129 4.03 -5.49 2.75
N GLY A 130 4.06 -5.75 1.42
CA GLY A 130 5.03 -5.06 0.58
C GLY A 130 4.81 -3.55 0.58
N ASP A 131 3.55 -3.12 0.52
CA ASP A 131 3.23 -1.69 0.52
C ASP A 131 3.75 -1.00 1.77
N TYR A 132 3.50 -1.59 2.96
CA TYR A 132 3.87 -0.87 4.19
C TYR A 132 5.38 -0.94 4.44
N TYR A 133 6.06 -2.01 4.01
CA TYR A 133 7.52 -1.95 4.00
C TYR A 133 8.02 -0.93 2.99
N ARG A 134 7.33 -0.75 1.85
CA ARG A 134 7.72 0.27 0.90
C ARG A 134 7.61 1.67 1.54
N TYR A 135 6.53 1.95 2.29
CA TYR A 135 6.43 3.26 2.91
C TYR A 135 7.52 3.45 3.95
N LEU A 136 7.87 2.40 4.70
CA LEU A 136 9.03 2.49 5.60
C LEU A 136 10.31 2.78 4.82
N ALA A 137 10.45 2.16 3.64
CA ALA A 137 11.65 2.36 2.84
C ALA A 137 11.76 3.79 2.33
N GLU A 138 10.62 4.43 2.06
CA GLU A 138 10.64 5.78 1.54
C GLU A 138 11.32 6.74 2.53
N VAL A 139 11.27 6.45 3.83
CA VAL A 139 11.84 7.33 4.85
C VAL A 139 13.09 6.75 5.51
N ALA A 140 13.53 5.57 5.10
CA ALA A 140 14.59 4.87 5.81
C ALA A 140 15.96 5.42 5.42
N THR A 141 16.84 5.56 6.43
CA THR A 141 18.22 6.00 6.22
C THR A 141 19.25 5.23 7.05
N GLY A 142 18.84 4.28 7.91
CA GLY A 142 19.73 3.68 8.88
C GLY A 142 20.38 2.38 8.42
N ASP A 143 20.97 1.68 9.40
CA ASP A 143 21.64 0.40 9.13
C ASP A 143 20.69 -0.61 8.52
N ASP A 144 19.39 -0.48 8.79
CA ASP A 144 18.42 -1.47 8.35
C ASP A 144 17.73 -1.13 7.03
N LYS A 145 18.16 -0.07 6.34
CA LYS A 145 17.47 0.36 5.12
C LYS A 145 17.43 -0.78 4.08
N LYS A 146 18.55 -1.45 3.84
CA LYS A 146 18.51 -2.48 2.82
C LYS A 146 17.61 -3.62 3.22
N ARG A 147 17.54 -3.95 4.51
CA ARG A 147 16.68 -5.03 4.96
C ARG A 147 15.22 -4.63 4.82
N ILE A 148 14.90 -3.35 5.04
CA ILE A 148 13.52 -2.87 4.86
C ILE A 148 13.12 -3.01 3.39
N ILE A 149 13.99 -2.59 2.48
CA ILE A 149 13.72 -2.73 1.05
C ILE A 149 13.56 -4.19 0.68
N ASP A 150 14.39 -5.07 1.24
CA ASP A 150 14.28 -6.47 0.89
C ASP A 150 13.02 -7.09 1.44
N SER A 151 12.55 -6.62 2.62
CA SER A 151 11.30 -7.10 3.18
C SER A 151 10.14 -6.74 2.26
N ALA A 152 10.15 -5.52 1.72
CA ALA A 152 9.11 -5.18 0.76
C ALA A 152 9.19 -6.08 -0.47
N ARG A 153 10.39 -6.21 -1.04
CA ARG A 153 10.54 -7.03 -2.24
C ARG A 153 10.10 -8.48 -2.02
N SER A 154 10.46 -9.06 -0.88
CA SER A 154 10.12 -10.45 -0.60
C SER A 154 8.61 -10.65 -0.47
N ALA A 155 7.93 -9.73 0.21
CA ALA A 155 6.48 -9.88 0.33
C ALA A 155 5.80 -9.73 -1.04
N TYR A 156 6.22 -8.72 -1.82
CA TYR A 156 5.67 -8.56 -3.16
C TYR A 156 5.95 -9.78 -4.00
N GLN A 157 7.17 -10.36 -3.88
CA GLN A 157 7.50 -11.50 -4.73
C GLN A 157 6.67 -12.73 -4.37
N GLU A 158 6.46 -12.99 -3.07
CA GLU A 158 5.59 -14.10 -2.72
C GLU A 158 4.18 -13.88 -3.25
N ALA A 159 3.66 -12.65 -3.13
CA ALA A 159 2.34 -12.36 -3.65
C ALA A 159 2.29 -12.58 -5.16
N MET A 160 3.34 -12.15 -5.86
CA MET A 160 3.39 -12.33 -7.32
C MET A 160 3.37 -13.82 -7.67
N ASP A 161 4.17 -14.62 -6.94
CA ASP A 161 4.27 -16.03 -7.29
C ASP A 161 2.91 -16.72 -7.13
N ILE A 162 2.19 -16.44 -6.04
CA ILE A 162 0.85 -16.99 -5.86
C ILE A 162 -0.10 -16.45 -6.92
N SER A 163 -0.04 -15.14 -7.21
CA SER A 163 -1.03 -14.56 -8.13
C SER A 163 -0.87 -15.15 -9.53
N LYS A 164 0.37 -15.42 -9.94
CA LYS A 164 0.56 -15.96 -11.28
C LYS A 164 0.09 -17.40 -11.37
N LYS A 165 0.13 -18.13 -10.27
CA LYS A 165 -0.33 -19.52 -10.29
C LYS A 165 -1.83 -19.64 -10.12
N GLU A 166 -2.45 -18.75 -9.33
CA GLU A 166 -3.81 -18.97 -8.86
C GLU A 166 -4.86 -17.97 -9.34
N MET A 167 -4.48 -16.89 -10.01
CA MET A 167 -5.43 -15.89 -10.46
C MET A 167 -5.29 -15.64 -11.96
N PRO A 168 -6.38 -15.30 -12.63
CA PRO A 168 -6.29 -14.91 -14.04
C PRO A 168 -5.56 -13.60 -14.17
N PRO A 169 -4.99 -13.32 -15.34
CA PRO A 169 -4.22 -12.08 -15.54
C PRO A 169 -5.04 -10.82 -15.40
N THR A 170 -6.37 -10.88 -15.50
CA THR A 170 -7.19 -9.69 -15.28
C THR A 170 -7.68 -9.52 -13.84
N ASN A 171 -7.37 -10.43 -12.90
CA ASN A 171 -7.89 -10.27 -11.56
CA ASN A 171 -7.89 -10.27 -11.56
C ASN A 171 -7.43 -8.93 -11.00
N PRO A 172 -8.34 -8.08 -10.50
CA PRO A 172 -7.91 -6.76 -10.03
C PRO A 172 -6.86 -6.79 -8.94
N ILE A 173 -6.86 -7.81 -8.06
CA ILE A 173 -5.83 -7.89 -7.03
C ILE A 173 -4.47 -8.21 -7.65
N ARG A 174 -4.45 -9.15 -8.60
CA ARG A 174 -3.21 -9.41 -9.34
C ARG A 174 -2.72 -8.14 -10.05
N LEU A 175 -3.63 -7.40 -10.68
CA LEU A 175 -3.22 -6.17 -11.36
C LEU A 175 -2.71 -5.11 -10.40
N GLY A 176 -3.40 -4.94 -9.25
CA GLY A 176 -2.99 -3.92 -8.30
C GLY A 176 -1.65 -4.26 -7.66
N LEU A 177 -1.42 -5.54 -7.39
CA LEU A 177 -0.12 -5.98 -6.92
C LEU A 177 0.96 -5.63 -7.92
N ALA A 178 0.76 -5.96 -9.21
CA ALA A 178 1.77 -5.67 -10.21
C ALA A 178 2.01 -4.17 -10.35
N LEU A 179 0.93 -3.38 -10.31
CA LEU A 179 1.08 -1.92 -10.34
C LEU A 179 2.00 -1.44 -9.23
N ASN A 180 1.75 -1.92 -7.99
CA ASN A 180 2.50 -1.41 -6.85
C ASN A 180 3.92 -1.97 -6.81
N PHE A 181 4.10 -3.26 -7.19
CA PHE A 181 5.47 -3.81 -7.25
C PHE A 181 6.29 -3.08 -8.30
N SER A 182 5.63 -2.71 -9.41
CA SER A 182 6.33 -1.95 -10.44
C SER A 182 6.78 -0.59 -9.90
N VAL A 183 5.91 0.09 -9.13
CA VAL A 183 6.30 1.33 -8.47
C VAL A 183 7.44 1.11 -7.49
N PHE A 184 7.39 0.03 -6.71
CA PHE A 184 8.53 -0.33 -5.86
C PHE A 184 9.82 -0.40 -6.67
N HIS A 185 9.80 -1.10 -7.81
CA HIS A 185 11.03 -1.21 -8.59
C HIS A 185 11.51 0.16 -9.04
N TYR A 186 10.58 1.03 -9.47
CA TYR A 186 10.97 2.32 -10.03
C TYR A 186 11.48 3.27 -8.95
N GLU A 187 10.75 3.39 -7.85
N GLU A 187 10.75 3.39 -7.84
CA GLU A 187 11.03 4.43 -6.85
CA GLU A 187 10.99 4.44 -6.85
C GLU A 187 11.95 3.98 -5.73
C GLU A 187 11.80 4.00 -5.64
N ILE A 188 11.90 2.71 -5.36
CA ILE A 188 12.61 2.21 -4.19
C ILE A 188 13.88 1.45 -4.58
N ALA A 189 13.76 0.53 -5.54
CA ALA A 189 14.88 -0.36 -5.86
C ALA A 189 15.76 0.18 -6.97
N ASN A 190 15.49 1.38 -7.47
CA ASN A 190 16.33 1.98 -8.52
C ASN A 190 16.39 1.07 -9.75
N SER A 191 15.26 0.43 -10.08
CA SER A 191 15.20 -0.54 -11.16
C SER A 191 14.12 -0.09 -12.14
N PRO A 192 14.29 1.04 -12.83
CA PRO A 192 13.24 1.49 -13.75
C PRO A 192 12.97 0.50 -14.89
N GLU A 193 13.97 -0.20 -15.39
CA GLU A 193 13.68 -1.15 -16.46
C GLU A 193 12.79 -2.28 -15.99
N GLU A 194 13.02 -2.82 -14.77
CA GLU A 194 12.14 -3.85 -14.20
C GLU A 194 10.74 -3.30 -13.98
N ALA A 195 10.64 -2.05 -13.53
CA ALA A 195 9.34 -1.41 -13.34
C ALA A 195 8.54 -1.37 -14.63
N ILE A 196 9.20 -0.91 -15.70
CA ILE A 196 8.55 -0.76 -17.00
C ILE A 196 8.19 -2.12 -17.58
N SER A 197 9.13 -3.08 -17.53
CA SER A 197 8.83 -4.43 -18.03
C SER A 197 7.65 -5.04 -17.30
N LEU A 198 7.63 -4.91 -15.96
CA LEU A 198 6.52 -5.51 -15.24
C LEU A 198 5.20 -4.87 -15.62
N ALA A 199 5.15 -3.53 -15.64
CA ALA A 199 3.90 -2.86 -16.01
C ALA A 199 3.43 -3.23 -17.42
N LYS A 200 4.36 -3.30 -18.38
CA LYS A 200 3.96 -3.58 -19.75
C LYS A 200 3.48 -5.03 -19.89
N THR A 201 4.24 -5.98 -19.35
CA THR A 201 3.83 -7.38 -19.45
C THR A 201 2.49 -7.61 -18.74
N THR A 202 2.30 -6.97 -17.58
CA THR A 202 1.04 -7.14 -16.88
C THR A 202 -0.10 -6.58 -17.71
N PHE A 203 0.10 -5.40 -18.29
CA PHE A 203 -0.95 -4.79 -19.11
C PHE A 203 -1.30 -5.69 -20.29
N ASP A 204 -0.29 -6.19 -20.98
CA ASP A 204 -0.52 -6.95 -22.21
C ASP A 204 -1.20 -8.28 -21.93
N GLU A 205 -0.83 -8.92 -20.83
CA GLU A 205 -1.44 -10.20 -20.52
C GLU A 205 -2.87 -10.00 -20.04
N ALA A 206 -3.14 -8.89 -19.36
CA ALA A 206 -4.52 -8.60 -19.01
C ALA A 206 -5.36 -8.30 -20.25
N MET A 207 -4.82 -7.49 -21.16
N MET A 207 -4.83 -7.50 -21.17
CA MET A 207 -5.51 -7.18 -22.41
CA MET A 207 -5.58 -7.17 -22.37
C MET A 207 -6.04 -8.43 -23.06
C MET A 207 -6.05 -8.43 -23.09
N ALA A 208 -5.18 -9.44 -23.18
CA ALA A 208 -5.51 -10.68 -23.88
C ALA A 208 -6.52 -11.53 -23.15
N ASP A 209 -6.83 -11.25 -21.90
CA ASP A 209 -7.80 -12.03 -21.11
C ASP A 209 -9.12 -11.27 -20.90
N LEU A 210 -9.23 -10.03 -21.38
CA LEU A 210 -10.46 -9.26 -21.16
C LEU A 210 -11.67 -9.90 -21.83
N HIS A 211 -11.44 -10.65 -22.92
CA HIS A 211 -12.56 -11.23 -23.67
C HIS A 211 -13.36 -12.22 -22.83
N THR A 212 -12.78 -12.74 -21.74
CA THR A 212 -13.43 -13.72 -20.88
C THR A 212 -14.37 -13.10 -19.87
N LEU A 213 -14.40 -11.79 -19.74
CA LEU A 213 -15.03 -11.09 -18.63
C LEU A 213 -16.41 -10.57 -18.95
N SER A 214 -17.26 -10.51 -17.93
CA SER A 214 -18.50 -9.77 -17.95
C SER A 214 -18.24 -8.27 -18.05
N GLU A 215 -19.29 -7.49 -18.34
CA GLU A 215 -19.12 -6.05 -18.40
C GLU A 215 -18.62 -5.47 -17.07
N ASP A 216 -19.16 -5.95 -15.94
CA ASP A 216 -18.72 -5.38 -14.68
C ASP A 216 -17.27 -5.77 -14.37
N SER A 217 -16.88 -7.02 -14.63
CA SER A 217 -15.48 -7.41 -14.41
C SER A 217 -14.55 -6.65 -15.33
N TYR A 218 -14.97 -6.44 -16.59
CA TYR A 218 -14.20 -5.65 -17.53
C TYR A 218 -13.92 -4.24 -17.00
N LYS A 219 -14.96 -3.60 -16.46
CA LYS A 219 -14.78 -2.27 -15.89
C LYS A 219 -13.74 -2.29 -14.77
N ASP A 220 -13.80 -3.32 -13.90
CA ASP A 220 -12.86 -3.37 -12.78
C ASP A 220 -11.46 -3.56 -13.29
N SER A 221 -11.28 -4.45 -14.27
CA SER A 221 -9.93 -4.76 -14.72
C SER A 221 -9.34 -3.61 -15.51
N THR A 222 -10.14 -3.00 -16.40
CA THR A 222 -9.61 -1.91 -17.21
C THR A 222 -9.29 -0.68 -16.37
N LEU A 223 -9.96 -0.50 -15.23
CA LEU A 223 -9.60 0.62 -14.36
C LEU A 223 -8.15 0.51 -13.90
N ILE A 224 -7.76 -0.69 -13.44
CA ILE A 224 -6.38 -0.85 -12.96
C ILE A 224 -5.43 -0.84 -14.15
N MET A 225 -5.84 -1.43 -15.30
CA MET A 225 -4.97 -1.38 -16.47
C MET A 225 -4.64 0.04 -16.87
N GLN A 226 -5.61 0.96 -16.73
CA GLN A 226 -5.34 2.35 -17.07
C GLN A 226 -4.29 2.96 -16.16
N LEU A 227 -4.27 2.56 -14.88
CA LEU A 227 -3.21 3.03 -13.97
C LEU A 227 -1.84 2.52 -14.41
N LEU A 228 -1.77 1.27 -14.89
CA LEU A 228 -0.51 0.77 -15.42
C LEU A 228 -0.07 1.61 -16.61
N ARG A 229 -1.02 1.90 -17.53
CA ARG A 229 -0.68 2.72 -18.69
C ARG A 229 -0.28 4.13 -18.28
N ASP A 230 -0.94 4.70 -17.26
CA ASP A 230 -0.57 6.03 -16.77
C ASP A 230 0.87 6.03 -16.29
N ASN A 231 1.26 5.00 -15.51
CA ASN A 231 2.64 4.97 -15.04
C ASN A 231 3.61 4.79 -16.18
N LEU A 232 3.31 3.89 -17.12
CA LEU A 232 4.16 3.73 -18.29
C LEU A 232 4.32 5.04 -19.05
N THR A 233 3.24 5.83 -19.15
CA THR A 233 3.35 7.13 -19.82
C THR A 233 4.26 8.09 -19.06
N LEU A 234 4.19 8.08 -17.73
CA LEU A 234 5.09 8.89 -16.91
C LEU A 234 6.55 8.50 -17.10
N TRP A 235 6.82 7.22 -17.35
CA TRP A 235 8.18 6.70 -17.27
C TRP A 235 8.86 6.52 -18.62
N THR A 236 8.15 6.70 -19.73
CA THR A 236 8.72 6.45 -21.04
C THR A 236 8.47 7.64 -21.96
N GLY B 3 5.82 13.93 -6.21
CA GLY B 3 4.80 13.35 -7.06
C GLY B 3 4.63 11.85 -6.85
N PHE B 4 3.42 11.36 -7.05
CA PHE B 4 3.07 9.95 -6.83
C PHE B 4 2.72 9.31 -8.17
N PRO B 5 3.46 8.31 -8.67
CA PRO B 5 2.88 7.39 -9.66
C PRO B 5 1.71 6.66 -9.00
N ALA B 6 0.82 6.05 -9.82
CA ALA B 6 -0.37 5.46 -9.29
C ALA B 6 -0.08 4.15 -8.55
N TPO B 7 -0.66 3.99 -7.37
CA TPO B 7 -0.69 2.75 -6.60
CB TPO B 7 0.40 2.77 -5.48
CG2 TPO B 7 1.81 2.77 -6.10
OG1 TPO B 7 0.12 3.96 -4.74
P TPO B 7 0.84 4.15 -3.29
O1P TPO B 7 -0.06 5.32 -2.69
O2P TPO B 7 2.23 4.60 -3.52
O3P TPO B 7 0.74 2.84 -2.49
C TPO B 7 -2.09 2.55 -6.02
O TPO B 7 -2.83 3.53 -5.86
N VAL B 8 -2.47 1.31 -5.76
CA VAL B 8 -3.78 1.04 -5.18
C VAL B 8 -3.68 0.20 -3.95
MG MG C . 9.32 -11.43 -15.29
MG MG D . -19.39 -10.73 19.79
MG MG E . 13.76 9.11 11.94
N T5N F . -11.09 -1.12 -4.47
C T5N F . -8.79 0.82 -6.57
O T5N F . -9.72 -1.44 -6.67
C1 T5N F . -10.01 -0.08 -6.35
C10 T5N F . -11.80 -1.12 -3.20
C11 T5N F . -10.85 -1.07 -2.01
C2 T5N F . -8.66 -2.15 -6.17
C3 T5N F . -8.10 -1.89 -4.90
C4 T5N F . -7.06 -2.68 -4.44
C5 T5N F . -6.60 -3.71 -5.27
C6 T5N F . -7.14 -3.96 -6.50
C7 T5N F . -8.20 -3.19 -6.94
C8 T5N F . -11.13 0.34 -7.29
C9 T5N F . -10.64 0.02 -5.00
O1 T5N F . -10.73 1.11 -4.46
S T5N F . -10.06 -2.68 -1.71
BR T5N F . -5.18 -4.79 -4.65
#